data_9F4P
#
_entry.id   9F4P
#
_cell.length_a   38.020
_cell.length_b   43.868
_cell.length_c   56.094
_cell.angle_alpha   90.000
_cell.angle_beta   94.160
_cell.angle_gamma   90.000
#
_symmetry.space_group_name_H-M   'P 1 21 1'
#
loop_
_entity.id
_entity.type
_entity.pdbx_description
1 polymer 'Heterogeneous nuclear ribonucleoprotein A1, N-terminally processed'
2 non-polymer (3S)-3-(3-fluorophenoxy)-1-methylpyrrolidin-2-one
3 water water
#
_entity_poly.entity_id   1
_entity_poly.type   'polypeptide(L)'
_entity_poly.pdbx_seq_one_letter_code
;GPMGSKSESPKEPEQLRKLFIGGLSFETTDESLRSHFEQWGTLTDCVVMRDPNTKRSRGFGFVTYATVEEVDAAMNARPH
KVDGRVVEPKRAVSREDSQRPGAHLTVKKIFVGGIKEDTEEHHLRDYFEQYGKIEVIEIMTDRGSGKKRGFAFVTFDDHD
SVDKIVIQKYHTVNGHNCEVRKALSKQEMASASSSQRG
;
_entity_poly.pdbx_strand_id   A
#
# COMPACT_ATOMS: atom_id res chain seq x y z
N PRO A 10 22.68 5.34 0.68
CA PRO A 10 22.06 4.03 0.89
C PRO A 10 20.65 3.99 0.33
N LYS A 11 20.47 3.32 -0.82
CA LYS A 11 19.17 3.27 -1.48
C LYS A 11 18.27 2.22 -0.83
N GLU A 12 16.98 2.55 -0.74
CA GLU A 12 16.01 1.57 -0.30
C GLU A 12 16.02 0.39 -1.28
N PRO A 13 15.71 -0.82 -0.79
CA PRO A 13 15.64 -1.98 -1.69
C PRO A 13 14.72 -1.70 -2.87
N GLU A 14 15.18 -2.10 -4.06
CA GLU A 14 14.42 -1.84 -5.28
C GLU A 14 13.00 -2.36 -5.21
N GLN A 15 12.80 -3.53 -4.58
CA GLN A 15 11.45 -4.09 -4.48
C GLN A 15 10.47 -3.10 -3.87
N LEU A 16 10.93 -2.30 -2.92
CA LEU A 16 10.07 -1.35 -2.22
C LEU A 16 9.87 -0.06 -3.00
N ARG A 17 10.53 0.07 -4.14
CA ARG A 17 10.44 1.27 -4.96
C ARG A 17 9.62 1.03 -6.23
N LYS A 18 9.04 -0.14 -6.35
CA LYS A 18 8.31 -0.48 -7.58
C LYS A 18 6.80 -0.31 -7.43
N LEU A 19 6.18 0.04 -8.55
CA LEU A 19 4.72 0.03 -8.55
C LEU A 19 4.26 -0.85 -9.71
N PHE A 20 3.46 -1.87 -9.41
N PHE A 20 3.47 -1.87 -9.40
CA PHE A 20 2.91 -2.73 -10.47
CA PHE A 20 2.90 -2.73 -10.47
C PHE A 20 1.64 -2.05 -10.96
C PHE A 20 1.64 -2.03 -10.95
N ILE A 21 1.57 -1.74 -12.25
CA ILE A 21 0.41 -0.98 -12.79
C ILE A 21 -0.48 -1.90 -13.63
N GLY A 22 -1.66 -2.22 -13.13
CA GLY A 22 -2.61 -3.03 -13.89
C GLY A 22 -3.63 -2.17 -14.59
N GLY A 23 -4.35 -2.77 -15.51
CA GLY A 23 -5.44 -2.05 -16.18
C GLY A 23 -4.95 -1.11 -17.27
N LEU A 24 -3.74 -1.31 -17.80
CA LEU A 24 -3.27 -0.38 -18.81
C LEU A 24 -4.12 -0.45 -20.06
N SER A 25 -4.24 0.70 -20.74
CA SER A 25 -4.62 0.67 -22.14
C SER A 25 -3.59 -0.15 -22.91
N PHE A 26 -4.07 -0.95 -23.87
CA PHE A 26 -3.17 -1.71 -24.71
C PHE A 26 -2.31 -0.80 -25.57
N GLU A 27 -2.69 0.47 -25.71
CA GLU A 27 -1.88 1.40 -26.46
C GLU A 27 -0.80 2.09 -25.63
N THR A 28 -0.76 1.88 -24.32
CA THR A 28 0.31 2.45 -23.52
C THR A 28 1.64 1.76 -23.83
N THR A 29 2.69 2.57 -23.94
CA THR A 29 4.03 2.11 -24.25
C THR A 29 4.95 2.39 -23.09
N ASP A 30 6.17 1.83 -23.15
CA ASP A 30 7.17 2.16 -22.13
C ASP A 30 7.30 3.66 -22.02
N GLU A 31 7.32 4.34 -23.16
CA GLU A 31 7.55 5.77 -23.17
C GLU A 31 6.36 6.55 -22.60
N SER A 32 5.13 6.16 -22.92
CA SER A 32 3.98 6.91 -22.41
C SER A 32 3.73 6.62 -20.95
N LEU A 33 4.01 5.38 -20.51
CA LEU A 33 3.91 5.08 -19.09
C LEU A 33 4.95 5.88 -18.30
N ARG A 34 6.18 5.97 -18.84
CA ARG A 34 7.23 6.74 -18.19
C ARG A 34 6.87 8.21 -18.11
N SER A 35 6.45 8.82 -19.23
CA SER A 35 6.12 10.24 -19.21
C SER A 35 5.04 10.54 -18.19
N HIS A 36 4.11 9.61 -18.00
CA HIS A 36 3.06 9.85 -17.02
C HIS A 36 3.63 9.79 -15.60
N PHE A 37 4.31 8.70 -15.26
CA PHE A 37 4.70 8.49 -13.87
C PHE A 37 5.91 9.30 -13.45
N GLU A 38 6.68 9.83 -14.41
CA GLU A 38 7.76 10.74 -14.03
C GLU A 38 7.24 12.05 -13.41
N GLN A 39 5.94 12.31 -13.46
CA GLN A 39 5.44 13.49 -12.78
C GLN A 39 5.64 13.41 -11.27
N TRP A 40 5.82 12.21 -10.70
CA TRP A 40 5.92 12.06 -9.25
C TRP A 40 7.30 11.61 -8.78
N GLY A 41 8.26 11.48 -9.68
CA GLY A 41 9.60 11.15 -9.25
C GLY A 41 10.46 10.67 -10.40
N THR A 42 11.72 10.45 -10.07
CA THR A 42 12.69 9.89 -11.02
C THR A 42 12.42 8.41 -11.18
N LEU A 43 12.26 7.95 -12.42
CA LEU A 43 12.04 6.54 -12.71
C LEU A 43 13.34 5.91 -13.19
N THR A 44 13.80 4.91 -12.44
CA THR A 44 14.96 4.13 -12.84
C THR A 44 14.61 2.97 -13.77
N ASP A 45 13.33 2.64 -13.90
CA ASP A 45 12.85 1.56 -14.75
C ASP A 45 11.38 1.81 -15.05
N CYS A 46 10.96 1.35 -16.22
CA CYS A 46 9.56 1.50 -16.62
C CYS A 46 9.30 0.58 -17.81
N VAL A 47 8.43 -0.41 -17.64
CA VAL A 47 8.24 -1.48 -18.62
C VAL A 47 6.75 -1.76 -18.76
N VAL A 48 6.27 -1.85 -20.01
CA VAL A 48 4.98 -2.43 -20.35
C VAL A 48 5.19 -3.89 -20.70
N MET A 49 4.41 -4.78 -20.11
CA MET A 49 4.59 -6.19 -20.38
C MET A 49 3.86 -6.52 -21.67
N ARG A 50 4.52 -7.28 -22.55
CA ARG A 50 3.97 -7.60 -23.87
C ARG A 50 4.09 -9.09 -24.15
N ASP A 51 3.26 -9.55 -25.07
CA ASP A 51 3.38 -10.91 -25.53
C ASP A 51 4.70 -11.09 -26.30
N PRO A 52 5.43 -12.16 -26.06
CA PRO A 52 6.73 -12.32 -26.73
C PRO A 52 6.65 -12.55 -28.22
N ASN A 53 5.51 -13.02 -28.73
CA ASN A 53 5.38 -13.27 -30.16
C ASN A 53 4.65 -12.15 -30.90
N THR A 54 3.51 -11.69 -30.36
CA THR A 54 2.70 -10.72 -31.08
C THR A 54 3.10 -9.29 -30.77
N LYS A 55 3.82 -9.06 -29.67
CA LYS A 55 4.16 -7.76 -29.11
C LYS A 55 2.93 -7.02 -28.60
N ARG A 56 1.77 -7.67 -28.55
CA ARG A 56 0.58 -6.99 -28.06
C ARG A 56 0.68 -6.85 -26.55
N SER A 57 0.31 -5.69 -26.04
CA SER A 57 0.35 -5.44 -24.60
C SER A 57 -0.44 -6.49 -23.81
N ARG A 58 0.12 -6.88 -22.67
CA ARG A 58 -0.57 -7.71 -21.70
C ARG A 58 -1.45 -6.88 -20.76
N GLY A 59 -1.45 -5.57 -20.92
CA GLY A 59 -2.31 -4.73 -20.13
C GLY A 59 -1.80 -4.41 -18.75
N PHE A 60 -0.53 -4.68 -18.45
CA PHE A 60 0.04 -4.27 -17.17
C PHE A 60 1.53 -4.01 -17.38
N GLY A 61 2.14 -3.37 -16.39
CA GLY A 61 3.55 -3.08 -16.43
C GLY A 61 4.03 -2.69 -15.05
N PHE A 62 5.23 -2.14 -14.99
CA PHE A 62 5.67 -1.67 -13.69
C PHE A 62 6.58 -0.47 -13.92
N VAL A 63 6.72 0.30 -12.87
CA VAL A 63 7.67 1.41 -12.85
C VAL A 63 8.48 1.28 -11.56
N THR A 64 9.72 1.74 -11.60
CA THR A 64 10.58 1.76 -10.42
C THR A 64 11.04 3.19 -10.17
N TYR A 65 10.72 3.72 -8.99
CA TYR A 65 11.16 5.05 -8.61
C TYR A 65 12.52 5.00 -7.91
N ALA A 66 13.15 6.16 -7.79
CA ALA A 66 14.44 6.25 -7.12
C ALA A 66 14.31 6.12 -5.60
N THR A 67 13.17 6.51 -5.04
CA THR A 67 12.97 6.50 -3.59
C THR A 67 11.54 6.07 -3.24
N VAL A 68 11.40 5.59 -2.01
CA VAL A 68 10.09 5.24 -1.47
C VAL A 68 9.18 6.45 -1.37
N GLU A 69 9.72 7.62 -1.01
CA GLU A 69 8.87 8.81 -0.96
C GLU A 69 8.22 9.12 -2.30
N GLU A 70 8.92 8.82 -3.40
CA GLU A 70 8.35 9.00 -4.73
C GLU A 70 7.22 8.01 -4.99
N VAL A 71 7.38 6.74 -4.55
CA VAL A 71 6.26 5.80 -4.62
C VAL A 71 5.05 6.37 -3.90
N ASP A 72 5.26 6.86 -2.66
CA ASP A 72 4.18 7.46 -1.91
C ASP A 72 3.53 8.59 -2.68
N ALA A 73 4.34 9.47 -3.29
CA ALA A 73 3.77 10.59 -4.03
C ALA A 73 2.90 10.09 -5.18
N ALA A 74 3.37 9.07 -5.90
CA ALA A 74 2.56 8.54 -7.00
C ALA A 74 1.26 7.93 -6.48
N MET A 75 1.33 7.17 -5.40
CA MET A 75 0.13 6.57 -4.84
C MET A 75 -0.83 7.65 -4.35
N ASN A 76 -0.30 8.73 -3.78
CA ASN A 76 -1.16 9.80 -3.28
C ASN A 76 -1.79 10.59 -4.43
N ALA A 77 -1.27 10.45 -5.65
CA ALA A 77 -1.85 11.13 -6.81
C ALA A 77 -2.87 10.28 -7.57
N ARG A 78 -3.21 9.09 -7.06
CA ARG A 78 -4.31 8.33 -7.67
C ARG A 78 -5.59 9.16 -7.53
N PRO A 79 -6.59 8.91 -8.41
CA PRO A 79 -6.58 7.94 -9.51
C PRO A 79 -5.74 8.43 -10.67
N HIS A 80 -5.01 7.51 -11.28
CA HIS A 80 -4.18 7.80 -12.46
C HIS A 80 -4.90 7.40 -13.74
N LYS A 81 -5.10 8.37 -14.62
CA LYS A 81 -5.63 8.12 -15.95
C LYS A 81 -4.46 8.20 -16.91
N VAL A 82 -4.08 7.06 -17.47
CA VAL A 82 -2.89 6.94 -18.30
C VAL A 82 -3.38 6.60 -19.69
N ASP A 83 -3.11 7.48 -20.64
CA ASP A 83 -3.52 7.27 -22.02
C ASP A 83 -5.03 7.00 -22.12
N GLY A 84 -5.79 7.72 -21.30
CA GLY A 84 -7.24 7.69 -21.36
C GLY A 84 -7.92 6.65 -20.49
N ARG A 85 -7.17 5.84 -19.74
CA ARG A 85 -7.76 4.76 -18.97
C ARG A 85 -7.28 4.85 -17.52
N VAL A 86 -8.20 4.67 -16.57
CA VAL A 86 -7.81 4.67 -15.17
C VAL A 86 -7.12 3.34 -14.86
N VAL A 87 -5.89 3.42 -14.36
CA VAL A 87 -5.09 2.24 -14.11
C VAL A 87 -5.09 1.90 -12.63
N GLU A 88 -4.46 0.79 -12.27
CA GLU A 88 -4.48 0.30 -10.89
C GLU A 88 -3.05 0.05 -10.41
N PRO A 89 -2.43 1.04 -9.76
CA PRO A 89 -1.07 0.85 -9.23
C PRO A 89 -1.13 0.21 -7.85
N LYS A 90 -0.20 -0.71 -7.65
CA LYS A 90 -0.06 -1.35 -6.33
C LYS A 90 1.45 -1.54 -6.05
N ARG A 91 1.80 -1.40 -4.79
CA ARG A 91 3.20 -1.63 -4.39
C ARG A 91 3.42 -3.14 -4.16
N ALA A 92 4.67 -3.53 -3.95
CA ALA A 92 5.00 -4.93 -3.61
C ALA A 92 4.85 -5.16 -2.11
N VAL A 93 4.21 -6.27 -1.74
CA VAL A 93 4.15 -6.64 -0.29
C VAL A 93 4.59 -8.12 -0.20
N HIS A 104 -0.63 -10.27 -5.07
CA HIS A 104 -0.91 -9.21 -4.12
C HIS A 104 -2.25 -9.46 -3.44
N LEU A 105 -2.23 -9.63 -2.12
CA LEU A 105 -3.44 -9.80 -1.33
C LEU A 105 -3.95 -8.41 -0.97
N THR A 106 -4.92 -7.92 -1.72
CA THR A 106 -5.32 -6.51 -1.65
C THR A 106 -6.46 -6.37 -0.66
N VAL A 107 -6.15 -5.87 0.53
CA VAL A 107 -7.16 -5.71 1.58
C VAL A 107 -7.00 -4.35 2.23
N LYS A 108 -8.03 -3.95 2.96
CA LYS A 108 -8.09 -2.64 3.58
C LYS A 108 -8.07 -2.72 5.10
N LYS A 109 -7.86 -3.92 5.66
CA LYS A 109 -7.98 -4.13 7.10
C LYS A 109 -6.74 -4.81 7.64
N ILE A 110 -6.32 -4.39 8.84
CA ILE A 110 -5.17 -4.98 9.51
C ILE A 110 -5.57 -5.52 10.88
N PHE A 111 -4.87 -6.58 11.27
CA PHE A 111 -4.81 -7.05 12.64
C PHE A 111 -3.63 -6.38 13.33
N VAL A 112 -3.86 -5.89 14.55
CA VAL A 112 -2.82 -5.28 15.38
C VAL A 112 -2.79 -6.03 16.69
N GLY A 113 -1.71 -6.77 16.92
CA GLY A 113 -1.59 -7.58 18.13
C GLY A 113 -0.52 -7.07 19.07
N GLY A 114 -0.62 -7.48 20.33
CA GLY A 114 0.37 -7.11 21.33
C GLY A 114 0.13 -5.78 22.00
N ILE A 115 -1.10 -5.25 21.92
CA ILE A 115 -1.39 -3.94 22.50
C ILE A 115 -1.82 -4.04 23.94
N LYS A 116 -1.98 -5.25 24.46
CA LYS A 116 -2.24 -5.50 25.87
C LYS A 116 -3.56 -4.85 26.30
N GLU A 117 -3.72 -4.54 27.59
CA GLU A 117 -5.00 -4.04 28.08
C GLU A 117 -5.11 -2.52 28.15
N ASP A 118 -3.99 -1.79 28.10
CA ASP A 118 -4.01 -0.35 28.32
C ASP A 118 -4.09 0.48 27.04
N THR A 119 -4.15 -0.15 25.87
CA THR A 119 -4.17 0.58 24.62
C THR A 119 -5.61 0.93 24.25
N GLU A 120 -5.84 2.20 23.92
CA GLU A 120 -7.16 2.73 23.63
C GLU A 120 -7.25 3.16 22.17
N GLU A 121 -8.47 3.56 21.78
CA GLU A 121 -8.74 3.88 20.38
C GLU A 121 -7.84 5.01 19.88
N HIS A 122 -7.65 6.05 20.69
CA HIS A 122 -6.91 7.22 20.25
C HIS A 122 -5.44 6.90 20.00
N HIS A 123 -4.86 5.97 20.78
CA HIS A 123 -3.51 5.52 20.51
C HIS A 123 -3.39 4.94 19.12
N LEU A 124 -4.33 4.05 18.78
CA LEU A 124 -4.31 3.43 17.45
C LEU A 124 -4.61 4.45 16.37
N ARG A 125 -5.56 5.36 16.61
CA ARG A 125 -5.94 6.31 15.57
C ARG A 125 -4.82 7.30 15.29
N ASP A 126 -4.19 7.84 16.36
CA ASP A 126 -3.16 8.85 16.16
C ASP A 126 -1.97 8.29 15.39
N TYR A 127 -1.67 7.02 15.59
CA TYR A 127 -0.57 6.38 14.87
C TYR A 127 -0.98 6.01 13.45
N PHE A 128 -2.06 5.23 13.32
CA PHE A 128 -2.38 4.67 12.02
C PHE A 128 -2.96 5.69 11.05
N GLU A 129 -3.49 6.81 11.54
CA GLU A 129 -4.06 7.81 10.63
C GLU A 129 -3.01 8.41 9.71
N GLN A 130 -1.74 8.28 10.05
CA GLN A 130 -0.68 8.77 9.19
C GLN A 130 -0.34 7.83 8.07
N TYR A 131 -0.91 6.61 8.06
CA TYR A 131 -0.79 5.70 6.94
C TYR A 131 -1.97 5.78 5.98
N GLY A 132 -3.11 6.24 6.44
CA GLY A 132 -4.26 6.35 5.56
C GLY A 132 -5.48 6.75 6.36
N LYS A 133 -6.57 6.92 5.62
CA LYS A 133 -7.82 7.35 6.24
C LYS A 133 -8.51 6.18 6.90
N ILE A 134 -8.75 6.29 8.21
CA ILE A 134 -9.33 5.20 8.99
C ILE A 134 -10.84 5.27 8.91
N GLU A 135 -11.48 4.13 8.67
CA GLU A 135 -12.93 4.03 8.75
C GLU A 135 -13.43 3.31 9.99
N VAL A 136 -12.73 2.30 10.48
CA VAL A 136 -13.17 1.52 11.63
C VAL A 136 -11.97 1.18 12.49
N ILE A 137 -12.11 1.34 13.80
CA ILE A 137 -11.18 0.78 14.77
C ILE A 137 -11.98 -0.11 15.70
N GLU A 138 -11.54 -1.36 15.83
CA GLU A 138 -12.25 -2.34 16.64
C GLU A 138 -11.25 -2.90 17.65
N ILE A 139 -11.34 -2.45 18.90
CA ILE A 139 -10.55 -3.00 19.98
C ILE A 139 -11.28 -4.22 20.53
N MET A 140 -10.62 -5.38 20.48
CA MET A 140 -11.29 -6.63 20.82
C MET A 140 -11.37 -6.85 22.32
N THR A 141 -12.55 -7.28 22.75
CA THR A 141 -12.83 -7.55 24.15
C THR A 141 -13.36 -8.96 24.28
N ASP A 142 -13.21 -9.51 25.48
CA ASP A 142 -13.67 -10.86 25.74
C ASP A 142 -15.20 -10.92 25.76
N ARG A 143 -15.74 -11.90 25.02
CA ARG A 143 -17.18 -12.09 24.89
C ARG A 143 -17.87 -12.31 26.23
N GLY A 144 -17.15 -12.91 27.19
CA GLY A 144 -17.75 -13.23 28.47
C GLY A 144 -17.58 -12.14 29.51
N SER A 145 -16.37 -11.58 29.63
CA SER A 145 -16.03 -10.67 30.72
C SER A 145 -15.96 -9.22 30.30
N GLY A 146 -15.87 -8.94 29.01
CA GLY A 146 -15.65 -7.57 28.55
C GLY A 146 -14.22 -7.08 28.66
N LYS A 147 -13.30 -7.88 29.16
CA LYS A 147 -11.92 -7.42 29.31
C LYS A 147 -11.23 -7.33 27.94
N LYS A 148 -10.33 -6.37 27.83
CA LYS A 148 -9.59 -6.25 26.58
C LYS A 148 -8.73 -7.48 26.34
N ARG A 149 -8.70 -7.93 25.08
CA ARG A 149 -7.94 -9.12 24.74
C ARG A 149 -6.54 -8.83 24.25
N GLY A 150 -6.19 -7.57 24.01
CA GLY A 150 -4.85 -7.24 23.59
C GLY A 150 -4.63 -7.23 22.09
N PHE A 151 -5.70 -7.13 21.30
CA PHE A 151 -5.53 -6.97 19.86
C PHE A 151 -6.69 -6.15 19.31
N ALA A 152 -6.53 -5.70 18.07
CA ALA A 152 -7.49 -4.79 17.46
C ALA A 152 -7.45 -4.97 15.96
N PHE A 153 -8.49 -4.49 15.31
CA PHE A 153 -8.52 -4.40 13.85
C PHE A 153 -8.74 -2.95 13.45
N VAL A 154 -8.03 -2.53 12.41
CA VAL A 154 -8.20 -1.20 11.84
C VAL A 154 -8.53 -1.36 10.38
N THR A 155 -9.58 -0.67 9.93
CA THR A 155 -10.01 -0.70 8.54
C THR A 155 -9.80 0.68 7.94
N PHE A 156 -9.15 0.73 6.79
CA PHE A 156 -8.85 1.96 6.09
C PHE A 156 -9.74 2.07 4.85
N ASP A 157 -9.75 3.25 4.25
CA ASP A 157 -10.55 3.43 3.05
C ASP A 157 -9.87 2.91 1.79
N ASP A 158 -8.64 2.39 1.89
CA ASP A 158 -7.88 2.06 0.70
C ASP A 158 -6.74 1.14 1.10
N HIS A 159 -6.37 0.28 0.16
CA HIS A 159 -5.40 -0.78 0.43
C HIS A 159 -3.96 -0.30 0.56
N ASP A 160 -3.62 0.86 -0.01
CA ASP A 160 -2.21 1.28 0.04
C ASP A 160 -1.74 1.55 1.47
N SER A 161 -2.64 2.05 2.32
N SER A 161 -2.64 2.06 2.33
CA SER A 161 -2.33 2.21 3.74
CA SER A 161 -2.30 2.21 3.74
C SER A 161 -1.83 0.90 4.32
C SER A 161 -1.84 0.90 4.34
N VAL A 162 -2.60 -0.17 4.11
CA VAL A 162 -2.23 -1.49 4.61
C VAL A 162 -0.90 -1.94 4.02
N ASP A 163 -0.71 -1.73 2.72
CA ASP A 163 0.52 -2.18 2.10
C ASP A 163 1.74 -1.49 2.70
N LYS A 164 1.65 -0.18 2.93
CA LYS A 164 2.74 0.53 3.61
C LYS A 164 2.98 -0.02 5.00
N ILE A 165 1.90 -0.31 5.73
CA ILE A 165 2.02 -0.76 7.10
C ILE A 165 2.75 -2.09 7.20
N VAL A 166 2.36 -3.06 6.38
CA VAL A 166 2.85 -4.42 6.60
C VAL A 166 4.28 -4.62 6.11
N ILE A 167 4.83 -3.68 5.35
CA ILE A 167 6.22 -3.80 4.95
C ILE A 167 7.19 -3.20 5.96
N GLN A 168 6.70 -2.45 6.95
CA GLN A 168 7.57 -1.96 7.99
C GLN A 168 8.04 -3.12 8.87
N LYS A 169 9.30 -3.07 9.30
CA LYS A 169 9.79 -4.06 10.25
C LYS A 169 9.17 -3.93 11.63
N TYR A 170 8.82 -2.73 12.05
CA TYR A 170 8.41 -2.44 13.42
C TYR A 170 7.21 -1.52 13.43
N HIS A 171 6.33 -1.72 14.44
CA HIS A 171 5.29 -0.77 14.78
C HIS A 171 5.26 -0.59 16.28
N THR A 172 5.41 0.65 16.73
CA THR A 172 5.41 1.01 18.14
C THR A 172 4.18 1.88 18.40
N VAL A 173 3.27 1.36 19.22
CA VAL A 173 2.03 2.04 19.55
C VAL A 173 1.84 1.95 21.06
N ASN A 174 1.70 3.11 21.71
CA ASN A 174 1.47 3.16 23.16
C ASN A 174 2.60 2.43 23.90
N GLY A 175 3.83 2.64 23.42
CA GLY A 175 5.00 2.01 23.97
C GLY A 175 5.16 0.53 23.71
N HIS A 176 4.20 -0.10 23.02
CA HIS A 176 4.24 -1.53 22.78
C HIS A 176 4.79 -1.76 21.38
N ASN A 177 5.65 -2.78 21.23
CA ASN A 177 6.02 -3.26 19.91
C ASN A 177 4.95 -4.23 19.44
N CYS A 178 4.23 -3.85 18.38
CA CYS A 178 3.05 -4.56 17.93
C CYS A 178 3.35 -5.46 16.74
N GLU A 179 2.57 -6.53 16.63
CA GLU A 179 2.55 -7.38 15.45
C GLU A 179 1.40 -6.93 14.57
N VAL A 180 1.68 -6.64 13.32
CA VAL A 180 0.66 -6.13 12.41
C VAL A 180 0.65 -7.00 11.16
N ARG A 181 -0.55 -7.45 10.78
CA ARG A 181 -0.70 -8.29 9.61
C ARG A 181 -1.97 -7.92 8.87
N LYS A 182 -2.02 -8.27 7.59
CA LYS A 182 -3.25 -8.12 6.83
C LYS A 182 -4.34 -9.00 7.44
N ALA A 183 -5.58 -8.51 7.42
CA ALA A 183 -6.72 -9.22 8.02
C ALA A 183 -7.73 -9.60 6.94
N LEU A 184 -8.18 -10.85 6.98
CA LEU A 184 -9.13 -11.47 6.03
C LEU A 184 -8.73 -11.27 4.57
#